data_7HK1
#
_entry.id   7HK1
#
_cell.length_a   26.240
_cell.length_b   46.982
_cell.length_c   46.527
_cell.angle_alpha   90.000
_cell.angle_beta   103.260
_cell.angle_gamma   90.000
#
_symmetry.space_group_name_H-M   'P 1 21 1'
#
loop_
_entity.id
_entity.type
_entity.pdbx_description
1 polymer 'De novo designed ABLE protein'
2 non-polymer 'thieno[3,2-b]thiophene-5-carboxylic acid'
3 water water
#
_entity_poly.entity_id   1
_entity_poly.type   'polypeptide(L)'
_entity_poly.pdbx_seq_one_letter_code
;SVKSEYAEAAAVGQEAVAVFNTMKAAFQNGDKEAVAQYLARLASLYTRHEELLNRILEKARREGNKEAVTLMNEFTATFQ
TGKSIFNAMVAAFKNGDDDSFESYLQALEKVTAKGETLADQIAKAL
;
_entity_poly.pdbx_strand_id   A
#
# COMPACT_ATOMS: atom_id res chain seq x y z
N SER A 1 6.74 -15.41 -14.69
N SER A 1 7.02 -15.92 -14.27
CA SER A 1 5.62 -16.15 -14.05
CA SER A 1 5.64 -16.35 -13.95
C SER A 1 4.81 -15.21 -13.19
C SER A 1 4.88 -15.32 -13.13
N VAL A 2 3.62 -15.65 -12.80
CA VAL A 2 2.81 -14.81 -11.95
C VAL A 2 3.47 -14.67 -10.59
N LYS A 3 4.19 -15.70 -10.14
N LYS A 3 4.17 -15.71 -10.13
CA LYS A 3 4.87 -15.63 -8.85
CA LYS A 3 4.81 -15.67 -8.83
C LYS A 3 5.96 -14.55 -8.87
C LYS A 3 5.94 -14.65 -8.80
N SER A 4 6.78 -14.52 -9.93
N SER A 4 6.71 -14.55 -9.89
CA SER A 4 7.81 -13.49 -10.02
CA SER A 4 7.75 -13.53 -9.96
C SER A 4 7.19 -12.10 -10.22
C SER A 4 7.16 -12.14 -10.15
N GLU A 5 6.05 -12.04 -10.88
CA GLU A 5 5.35 -10.77 -10.98
C GLU A 5 4.86 -10.33 -9.60
N TYR A 6 4.50 -11.27 -8.73
CA TYR A 6 4.07 -10.88 -7.40
C TYR A 6 5.25 -10.41 -6.55
N ALA A 7 6.42 -11.04 -6.71
CA ALA A 7 7.60 -10.57 -5.98
C ALA A 7 7.98 -9.16 -6.40
N GLU A 8 7.82 -8.84 -7.69
N GLU A 8 7.80 -8.83 -7.69
CA GLU A 8 8.04 -7.48 -8.16
CA GLU A 8 8.05 -7.48 -8.18
C GLU A 8 7.04 -6.51 -7.54
C GLU A 8 7.03 -6.49 -7.60
N ALA A 9 5.77 -6.93 -7.45
CA ALA A 9 4.77 -6.11 -6.81
C ALA A 9 5.06 -5.95 -5.32
N ALA A 10 5.52 -7.02 -4.67
N ALA A 10 5.54 -7.01 -4.67
CA ALA A 10 5.90 -6.90 -3.26
CA ALA A 10 5.81 -6.95 -3.25
C ALA A 10 7.00 -5.85 -3.08
C ALA A 10 6.94 -5.98 -2.92
N ALA A 11 7.95 -5.79 -4.02
N ALA A 11 7.96 -5.93 -3.79
CA ALA A 11 9.03 -4.82 -3.86
CA ALA A 11 9.05 -4.99 -3.55
C ALA A 11 8.52 -3.40 -4.01
C ALA A 11 8.54 -3.56 -3.58
N VAL A 12 7.64 -3.15 -4.98
N VAL A 12 7.58 -3.26 -4.48
CA VAL A 12 7.07 -1.81 -5.12
CA VAL A 12 6.97 -1.94 -4.50
C VAL A 12 6.30 -1.42 -3.87
C VAL A 12 6.27 -1.66 -3.18
N GLY A 13 5.59 -2.39 -3.26
N GLY A 13 5.52 -2.63 -2.65
CA GLY A 13 4.90 -2.09 -2.01
CA GLY A 13 4.93 -2.44 -1.34
C GLY A 13 5.86 -1.75 -0.88
C GLY A 13 5.97 -2.10 -0.29
N GLN A 14 6.99 -2.47 -0.80
N GLN A 14 7.14 -2.72 -0.38
CA GLN A 14 7.99 -2.14 0.23
CA GLN A 14 8.19 -2.43 0.59
C GLN A 14 8.65 -0.80 -0.02
C GLN A 14 8.76 -1.03 0.38
N GLU A 15 8.75 -0.36 -1.27
N GLU A 15 8.80 -0.54 -0.86
CA GLU A 15 9.25 0.99 -1.52
CA GLU A 15 9.27 0.82 -1.11
C GLU A 15 8.31 2.04 -0.93
C GLU A 15 8.29 1.83 -0.55
N ALA A 16 7.01 1.79 -1.04
N ALA A 16 7.00 1.65 -0.81
CA ALA A 16 6.05 2.69 -0.42
CA ALA A 16 6.00 2.58 -0.32
C ALA A 16 6.20 2.67 1.09
C ALA A 16 6.05 2.67 1.20
N VAL A 17 6.44 1.50 1.67
N VAL A 17 6.26 1.54 1.87
CA VAL A 17 6.68 1.44 3.12
CA VAL A 17 6.43 1.55 3.32
C VAL A 17 7.83 2.37 3.51
C VAL A 17 7.70 2.29 3.71
N ALA A 18 8.96 2.24 2.82
N ALA A 18 8.73 2.17 2.89
CA ALA A 18 10.12 3.04 3.17
CA ALA A 18 9.97 2.91 3.14
C ALA A 18 9.85 4.53 3.00
C ALA A 18 9.74 4.41 3.06
N VAL A 19 9.22 4.92 1.89
N VAL A 19 9.17 4.88 1.95
CA VAL A 19 8.93 6.33 1.66
CA VAL A 19 8.95 6.31 1.78
C VAL A 19 7.93 6.84 2.69
C VAL A 19 7.95 6.82 2.81
N PHE A 20 6.96 6.01 3.07
N PHE A 20 6.89 6.05 3.08
CA PHE A 20 5.99 6.39 4.10
CA PHE A 20 5.90 6.47 4.06
C PHE A 20 6.69 6.74 5.41
C PHE A 20 6.53 6.67 5.44
N ASN A 21 7.63 5.90 5.84
N ASN A 21 7.43 5.76 5.84
CA ASN A 21 8.29 6.16 7.11
CA ASN A 21 8.06 5.89 7.14
C ASN A 21 9.14 7.42 7.05
C ASN A 21 8.98 7.10 7.20
N THR A 22 9.80 7.66 5.94
N THR A 22 9.67 7.40 6.10
CA THR A 22 10.52 8.92 5.75
CA THR A 22 10.49 8.60 6.05
C THR A 22 9.56 10.10 5.78
C THR A 22 9.61 9.86 6.07
N MET A 23 8.35 9.91 5.23
N MET A 23 8.49 9.85 5.35
CA MET A 23 7.35 10.97 5.24
CA MET A 23 7.60 11.00 5.35
C MET A 23 6.84 11.25 6.66
C MET A 23 7.03 11.25 6.75
N LYS A 24 6.64 10.18 7.46
CA LYS A 24 6.15 10.34 8.82
C LYS A 24 7.16 11.11 9.65
N ALA A 25 8.45 10.83 9.48
CA ALA A 25 9.47 11.59 10.19
C ALA A 25 9.45 13.07 9.79
N ALA A 26 9.33 13.35 8.50
CA ALA A 26 9.29 14.73 8.02
C ALA A 26 8.06 15.47 8.56
N PHE A 27 6.91 14.81 8.58
CA PHE A 27 5.71 15.40 9.16
C PHE A 27 5.94 15.78 10.61
N GLN A 28 6.44 14.82 11.41
CA GLN A 28 6.68 15.12 12.82
C GLN A 28 7.61 16.30 12.96
N ASN A 29 8.63 16.39 12.09
CA ASN A 29 9.60 17.48 12.16
C ASN A 29 9.08 18.79 11.60
N GLY A 30 7.90 18.81 10.97
CA GLY A 30 7.37 20.03 10.40
C GLY A 30 7.95 20.44 9.07
N ASP A 31 8.58 19.51 8.33
CA ASP A 31 9.24 19.77 7.06
C ASP A 31 8.20 19.54 5.95
N LYS A 32 7.31 20.53 5.79
N LYS A 32 7.33 20.53 5.78
CA LYS A 32 6.16 20.36 4.91
CA LYS A 32 6.19 20.36 4.88
C LYS A 32 6.58 20.24 3.45
C LYS A 32 6.62 20.25 3.42
N GLU A 33 7.66 20.92 3.05
N GLU A 33 7.71 20.92 3.03
CA GLU A 33 8.12 20.76 1.67
CA GLU A 33 8.18 20.79 1.65
C GLU A 33 8.54 19.34 1.37
C GLU A 33 8.60 19.35 1.35
N ALA A 34 9.22 18.68 2.32
CA ALA A 34 9.56 17.28 2.15
C ALA A 34 8.30 16.44 2.10
N VAL A 35 7.38 16.67 3.03
CA VAL A 35 6.16 15.87 3.05
C VAL A 35 5.45 15.95 1.70
N ALA A 36 5.32 17.15 1.13
CA ALA A 36 4.65 17.28 -0.17
C ALA A 36 5.28 16.38 -1.23
N GLN A 37 6.60 16.36 -1.29
CA GLN A 37 7.28 15.54 -2.27
C GLN A 37 7.08 14.04 -1.99
N TYR A 38 7.17 13.63 -0.72
CA TYR A 38 6.95 12.22 -0.38
C TYR A 38 5.53 11.79 -0.69
N LEU A 39 4.54 12.63 -0.43
CA LEU A 39 3.16 12.28 -0.80
C LEU A 39 3.01 12.07 -2.30
N ALA A 40 3.62 12.92 -3.13
CA ALA A 40 3.59 12.70 -4.57
C ALA A 40 4.28 11.38 -4.94
N ARG A 41 5.41 11.07 -4.31
N ARG A 41 5.42 11.08 -4.31
CA ARG A 41 6.13 9.82 -4.60
CA ARG A 41 6.10 9.81 -4.54
C ARG A 41 5.29 8.62 -4.20
C ARG A 41 5.17 8.65 -4.20
N LEU A 42 4.61 8.71 -3.05
N LEU A 42 4.53 8.72 -3.04
CA LEU A 42 3.74 7.63 -2.60
CA LEU A 42 3.62 7.65 -2.63
C LEU A 42 2.55 7.43 -3.51
C LEU A 42 2.41 7.54 -3.55
N ALA A 43 1.94 8.53 -4.01
N ALA A 43 1.91 8.66 -4.07
CA ALA A 43 0.83 8.34 -4.94
CA ALA A 43 0.76 8.59 -4.97
C ALA A 43 1.25 7.53 -6.15
C ALA A 43 1.10 7.78 -6.22
N SER A 44 2.45 7.82 -6.67
N SER A 44 2.26 8.06 -6.82
CA SER A 44 2.93 7.09 -7.83
CA SER A 44 2.66 7.34 -8.02
C SER A 44 3.19 5.62 -7.49
C SER A 44 2.95 5.87 -7.70
N LEU A 45 3.76 5.35 -6.32
N LEU A 45 3.58 5.60 -6.56
CA LEU A 45 4.02 3.99 -5.91
CA LEU A 45 3.81 4.22 -6.15
C LEU A 45 2.73 3.19 -5.72
C LEU A 45 2.49 3.47 -5.94
N TYR A 46 1.74 3.78 -5.07
N TYR A 46 1.53 4.11 -5.26
CA TYR A 46 0.47 3.07 -4.89
CA TYR A 46 0.23 3.47 -5.07
C TYR A 46 -0.23 2.83 -6.22
C TYR A 46 -0.43 3.15 -6.41
N THR A 47 -0.21 3.81 -7.13
N THR A 47 -0.30 4.06 -7.37
CA THR A 47 -0.81 3.58 -8.44
CA THR A 47 -0.90 3.83 -8.68
C THR A 47 -0.13 2.43 -9.16
C THR A 47 -0.25 2.65 -9.39
N ARG A 48 1.20 2.34 -9.04
N ARG A 48 1.08 2.63 -9.43
CA ARG A 48 1.93 1.23 -9.66
CA ARG A 48 1.79 1.52 -10.07
C ARG A 48 1.63 -0.10 -8.97
C ARG A 48 1.43 0.19 -9.40
N HIS A 49 1.58 -0.11 -7.64
N HIS A 49 1.55 0.13 -8.08
CA HIS A 49 1.24 -1.33 -6.91
CA HIS A 49 1.28 -1.11 -7.36
C HIS A 49 -0.14 -1.83 -7.30
C HIS A 49 -0.12 -1.63 -7.65
N GLU A 50 -1.13 -0.92 -7.33
N GLU A 50 -1.10 -0.72 -7.72
CA GLU A 50 -2.50 -1.29 -7.66
CA GLU A 50 -2.48 -1.11 -8.03
C GLU A 50 -2.58 -1.94 -9.04
C GLU A 50 -2.53 -1.81 -9.38
N GLU A 51 -1.83 -1.38 -10.00
N GLU A 51 -1.90 -1.22 -10.40
CA GLU A 51 -1.87 -1.92 -11.36
CA GLU A 51 -1.93 -1.83 -11.72
C GLU A 51 -1.25 -3.31 -11.43
C GLU A 51 -1.24 -3.18 -11.73
N LEU A 52 -0.10 -3.52 -10.79
N LEU A 52 -0.21 -3.36 -10.90
CA LEU A 52 0.54 -4.83 -10.74
CA LEU A 52 0.48 -4.64 -10.85
C LEU A 52 -0.34 -5.86 -10.04
C LEU A 52 -0.39 -5.70 -10.18
N LEU A 53 -1.06 -5.44 -9.01
N LEU A 53 -1.03 -5.35 -9.07
CA LEU A 53 -1.95 -6.35 -8.30
CA LEU A 53 -1.90 -6.29 -8.36
C LEU A 53 -3.14 -6.73 -9.19
C LEU A 53 -3.07 -6.73 -9.25
N ASN A 54 -3.64 -5.80 -10.00
CA ASN A 54 -4.77 -6.16 -10.86
C ASN A 54 -4.34 -7.16 -11.91
N ARG A 55 -3.14 -6.96 -12.48
CA ARG A 55 -2.66 -7.90 -13.49
C ARG A 55 -2.45 -9.29 -12.91
N ILE A 56 -1.96 -9.35 -11.67
CA ILE A 56 -1.76 -10.63 -11.00
C ILE A 56 -3.09 -11.33 -10.74
N LEU A 57 -4.09 -10.57 -10.27
CA LEU A 57 -5.41 -11.15 -10.04
C LEU A 57 -6.01 -11.64 -11.34
N GLU A 58 -5.94 -10.82 -12.40
CA GLU A 58 -6.50 -11.22 -13.69
C GLU A 58 -5.81 -12.48 -14.20
N LYS A 59 -4.51 -12.60 -13.98
CA LYS A 59 -3.77 -13.77 -14.45
C LYS A 59 -4.16 -15.02 -13.66
N ALA A 60 -4.25 -14.89 -12.34
CA ALA A 60 -4.71 -16.01 -11.53
C ALA A 60 -6.10 -16.47 -11.97
N ARG A 61 -6.99 -15.53 -12.32
CA ARG A 61 -8.32 -15.87 -12.81
C ARG A 61 -8.22 -16.66 -14.12
N ARG A 62 -7.39 -16.18 -15.05
CA ARG A 62 -7.27 -16.87 -16.34
C ARG A 62 -6.67 -18.27 -16.18
N GLU A 63 -5.83 -18.46 -15.16
CA GLU A 63 -5.18 -19.72 -14.84
C GLU A 63 -6.08 -20.66 -14.05
N GLY A 64 -7.27 -20.21 -13.65
CA GLY A 64 -8.16 -21.02 -12.82
C GLY A 64 -7.67 -21.30 -11.41
N ASN A 65 -6.83 -20.44 -10.85
CA ASN A 65 -6.18 -20.70 -9.55
C ASN A 65 -7.11 -20.15 -8.48
N LYS A 66 -8.13 -20.96 -8.16
CA LYS A 66 -9.24 -20.45 -7.33
C LYS A 66 -8.74 -19.92 -6.01
N GLU A 67 -7.84 -20.64 -5.34
CA GLU A 67 -7.39 -20.16 -4.05
C GLU A 67 -6.66 -18.84 -4.20
N ALA A 68 -5.81 -18.70 -5.22
CA ALA A 68 -5.10 -17.44 -5.38
C ALA A 68 -6.07 -16.30 -5.67
N VAL A 69 -7.11 -16.58 -6.45
CA VAL A 69 -8.12 -15.54 -6.76
C VAL A 69 -8.81 -15.08 -5.47
N THR A 70 -9.22 -16.04 -4.64
CA THR A 70 -9.88 -15.70 -3.38
C THR A 70 -9.00 -14.77 -2.53
N LEU A 71 -7.74 -15.17 -2.34
CA LEU A 71 -6.84 -14.37 -1.50
C LEU A 71 -6.57 -13.01 -2.12
N MET A 72 -6.40 -12.95 -3.45
CA MET A 72 -6.15 -11.69 -4.13
C MET A 72 -7.36 -10.77 -4.10
N ASN A 73 -8.58 -11.33 -4.22
CA ASN A 73 -9.77 -10.50 -4.04
C ASN A 73 -9.80 -9.89 -2.64
N GLU A 74 -9.50 -10.68 -1.60
CA GLU A 74 -9.47 -10.13 -0.25
C GLU A 74 -8.38 -9.09 -0.11
N PHE A 75 -7.22 -9.35 -0.71
N PHE A 75 -7.17 -9.42 -0.61
CA PHE A 75 -6.10 -8.42 -0.60
CA PHE A 75 -6.04 -8.53 -0.42
C PHE A 75 -6.37 -7.13 -1.38
C PHE A 75 -6.28 -7.17 -1.04
N THR A 76 -6.99 -7.23 -2.56
N THR A 76 -6.68 -7.14 -2.32
CA THR A 76 -7.24 -6.03 -3.35
CA THR A 76 -6.90 -5.87 -2.98
C THR A 76 -8.33 -5.17 -2.72
C THR A 76 -7.96 -5.04 -2.27
N ALA A 77 -9.28 -5.77 -2.02
N ALA A 77 -8.95 -5.71 -1.66
CA ALA A 77 -10.26 -4.99 -1.29
CA ALA A 77 -9.97 -4.98 -0.91
C ALA A 77 -9.59 -4.18 -0.19
C ALA A 77 -9.36 -4.28 0.30
N THR A 78 -8.69 -4.81 0.59
N THR A 78 -8.49 -4.98 1.04
CA THR A 78 -8.01 -4.08 1.66
CA THR A 78 -7.77 -4.35 2.15
C THR A 78 -7.11 -2.99 1.10
C THR A 78 -6.74 -3.34 1.64
N PHE A 79 -6.46 -3.25 -0.04
N PHE A 79 -6.11 -3.63 0.49
CA PHE A 79 -5.66 -2.22 -0.71
CA PHE A 79 -5.23 -2.66 -0.16
C PHE A 79 -6.49 -0.95 -0.94
C PHE A 79 -5.97 -1.35 -0.43
N GLN A 80 -7.74 -1.12 -1.36
N GLN A 80 -7.20 -1.45 -0.96
CA GLN A 80 -8.60 0.04 -1.62
CA GLN A 80 -7.97 -0.25 -1.27
C GLN A 80 -8.91 0.81 -0.35
C GLN A 80 -8.38 0.50 0.01
N THR A 81 -9.08 0.12 0.78
N THR A 81 -8.55 -0.20 1.12
CA THR A 81 -9.21 0.83 2.06
CA THR A 81 -8.84 0.50 2.38
C THR A 81 -8.00 1.72 2.30
C THR A 81 -7.68 1.39 2.78
N GLY A 82 -6.80 1.16 2.12
N GLY A 82 -6.46 0.89 2.65
CA GLY A 82 -5.59 1.96 2.30
CA GLY A 82 -5.30 1.73 2.89
C GLY A 82 -5.55 3.14 1.35
C GLY A 82 -5.18 2.85 1.88
N LYS A 83 -5.91 2.91 0.09
N LYS A 83 -5.52 2.57 0.61
CA LYS A 83 -5.93 4.00 -0.88
CA LYS A 83 -5.39 3.58 -0.44
C LYS A 83 -6.89 5.11 -0.45
C LYS A 83 -6.37 4.73 -0.20
N SER A 84 -8.04 4.74 0.10
N SER A 84 -7.61 4.42 0.15
CA SER A 84 -8.99 5.75 0.57
CA SER A 84 -8.60 5.46 0.41
C SER A 84 -8.40 6.52 1.74
C SER A 84 -8.19 6.34 1.58
N ILE A 85 -7.84 5.82 2.71
N ILE A 85 -7.57 5.75 2.59
CA ILE A 85 -7.22 6.52 3.83
CA ILE A 85 -7.14 6.56 3.74
C ILE A 85 -6.10 7.41 3.33
C ILE A 85 -5.92 7.39 3.37
N PHE A 86 -5.25 6.89 2.43
N PHE A 86 -5.10 6.89 2.44
CA PHE A 86 -4.16 7.68 1.90
CA PHE A 86 -4.01 7.70 1.90
C PHE A 86 -4.68 8.94 1.22
C PHE A 86 -4.57 8.95 1.21
N ASN A 87 -5.70 8.81 0.38
N ASN A 87 -5.63 8.81 0.42
CA ASN A 87 -6.22 10.00 -0.28
CA ASN A 87 -6.19 9.97 -0.24
C ASN A 87 -6.79 11.00 0.72
C ASN A 87 -6.69 10.99 0.77
N ALA A 88 -7.38 10.52 1.81
CA ALA A 88 -7.85 11.42 2.85
C ALA A 88 -6.68 12.13 3.52
N MET A 89 -5.57 11.42 3.71
CA MET A 89 -4.38 12.02 4.31
C MET A 89 -3.85 13.15 3.43
N VAL A 90 -3.80 12.91 2.13
CA VAL A 90 -3.36 13.92 1.16
C VAL A 90 -4.24 15.15 1.25
N ALA A 91 -5.56 14.96 1.33
CA ALA A 91 -6.47 16.09 1.47
C ALA A 91 -6.25 16.84 2.77
N ALA A 92 -6.00 16.11 3.85
CA ALA A 92 -5.73 16.77 5.13
C ALA A 92 -4.48 17.61 5.05
N PHE A 93 -3.48 17.16 4.29
CA PHE A 93 -2.27 17.96 4.14
C PHE A 93 -2.54 19.22 3.34
N LYS A 94 -3.26 19.09 2.23
N LYS A 94 -3.30 19.10 2.24
CA LYS A 94 -3.67 20.25 1.44
CA LYS A 94 -3.66 20.26 1.43
C LYS A 94 -4.38 21.27 2.32
C LYS A 94 -4.48 21.26 2.21
N ASN A 95 -5.30 20.81 3.16
CA ASN A 95 -6.14 21.69 3.97
C ASN A 95 -5.45 22.21 5.21
N GLY A 96 -4.23 21.78 5.52
CA GLY A 96 -3.57 22.19 6.75
C GLY A 96 -4.12 21.59 8.03
N ASP A 97 -4.80 20.46 7.96
CA ASP A 97 -5.43 19.84 9.13
C ASP A 97 -4.48 18.78 9.68
N ASP A 98 -3.57 19.19 10.57
CA ASP A 98 -2.59 18.26 11.08
C ASP A 98 -3.23 17.21 11.96
N ASP A 99 -4.35 17.54 12.62
N ASP A 99 -4.35 17.54 12.62
CA ASP A 99 -5.02 16.55 13.45
CA ASP A 99 -5.03 16.56 13.45
C ASP A 99 -5.56 15.40 12.59
C ASP A 99 -5.56 15.41 12.60
N SER A 100 -6.25 15.72 11.50
CA SER A 100 -6.71 14.66 10.61
C SER A 100 -5.53 13.93 9.97
N PHE A 101 -4.47 14.64 9.63
CA PHE A 101 -3.31 13.96 9.03
C PHE A 101 -2.75 12.91 9.97
N GLU A 102 -2.52 13.29 11.24
N GLU A 102 -2.57 13.28 11.24
CA GLU A 102 -2.02 12.36 12.25
CA GLU A 102 -2.20 12.30 12.27
C GLU A 102 -2.89 11.11 12.33
C GLU A 102 -3.21 11.16 12.32
N SER A 103 -4.20 11.31 12.45
N SER A 103 -4.51 11.49 12.28
CA SER A 103 -5.16 10.21 12.54
CA SER A 103 -5.55 10.45 12.36
C SER A 103 -5.01 9.25 11.38
C SER A 103 -5.51 9.55 11.13
N TYR A 104 -5.20 9.77 10.16
N TYR A 104 -5.34 10.12 9.94
CA TYR A 104 -5.14 8.93 8.97
CA TYR A 104 -5.28 9.32 8.73
C TYR A 104 -3.80 8.20 8.87
C TYR A 104 -3.95 8.59 8.59
N LEU A 105 -2.72 8.83 9.31
N LEU A 105 -2.87 9.15 9.12
CA LEU A 105 -1.40 8.21 9.26
CA LEU A 105 -1.59 8.46 9.10
C LEU A 105 -1.36 6.91 10.09
C LEU A 105 -1.60 7.26 10.04
N GLN A 106 -1.80 6.98 11.34
N GLN A 106 -2.18 7.42 11.23
CA GLN A 106 -1.87 5.79 12.18
CA GLN A 106 -2.22 6.31 12.19
C GLN A 106 -2.81 4.76 11.60
C GLN A 106 -3.10 5.17 11.67
N ALA A 107 -3.95 5.21 11.05
N ALA A 107 -4.28 5.49 11.12
CA ALA A 107 -4.90 4.27 10.45
CA ALA A 107 -5.14 4.45 10.59
C ALA A 107 -4.28 3.52 9.29
C ALA A 107 -4.49 3.74 9.41
N LEU A 108 -3.54 4.23 8.45
N LEU A 108 -3.75 4.48 8.59
CA LEU A 108 -2.89 3.59 7.31
CA LEU A 108 -3.08 3.89 7.44
C LEU A 108 -1.81 2.62 7.75
C LEU A 108 -2.09 2.82 7.87
N GLU A 109 -1.11 2.95 8.84
N GLU A 109 -1.41 3.03 9.01
CA GLU A 109 -0.14 2.03 9.42
CA GLU A 109 -0.49 2.02 9.52
C GLU A 109 -0.81 0.74 9.90
C GLU A 109 -1.23 0.80 10.02
N LYS A 110 -1.96 0.87 10.55
N LYS A 110 -2.38 0.99 10.66
CA LYS A 110 -2.63 -0.31 11.10
CA LYS A 110 -3.12 -0.15 11.19
C LYS A 110 -3.26 -1.15 10.00
C LYS A 110 -3.69 -1.03 10.09
N VAL A 111 -3.93 -0.50 9.03
N VAL A 111 -4.09 -0.42 8.96
CA VAL A 111 -4.49 -1.23 7.90
CA VAL A 111 -4.71 -1.20 7.89
C VAL A 111 -3.39 -2.02 7.18
C VAL A 111 -3.66 -1.89 7.03
N THR A 112 -2.20 -1.42 7.05
N THR A 112 -2.49 -1.28 6.85
CA THR A 112 -1.10 -2.08 6.35
CA THR A 112 -1.46 -1.82 5.98
C THR A 112 -0.55 -3.25 7.14
C THR A 112 -0.57 -2.85 6.68
N ALA A 113 -0.38 -3.07 8.45
N ALA A 113 -0.34 -2.69 7.99
CA ALA A 113 0.12 -4.16 9.28
CA ALA A 113 0.43 -3.69 8.71
C ALA A 113 -0.86 -5.33 9.28
C ALA A 113 -0.30 -5.02 8.80
N LYS A 114 -2.16 -5.07 9.26
N LYS A 114 -1.62 -5.03 8.53
CA LYS A 114 -3.14 -6.13 9.29
CA LYS A 114 -2.37 -6.27 8.54
C LYS A 114 -3.08 -6.98 8.03
C LYS A 114 -2.19 -7.07 7.25
N GLY A 115 -2.90 -6.35 6.87
N GLY A 115 -2.00 -6.39 6.12
CA GLY A 115 -2.91 -7.04 5.61
CA GLY A 115 -1.98 -7.05 4.83
C GLY A 115 -1.66 -7.82 5.27
C GLY A 115 -0.65 -7.67 4.46
N GLU A 116 -0.73 -7.99 6.21
N GLU A 116 0.14 -8.05 5.46
CA GLU A 116 0.55 -8.59 5.88
CA GLU A 116 1.48 -8.58 5.23
C GLU A 116 0.55 -10.11 5.92
C GLU A 116 1.56 -10.08 5.47
N THR A 117 -0.22 -10.73 6.81
N THR A 117 1.01 -10.57 6.59
CA THR A 117 -0.28 -12.19 6.79
CA THR A 117 1.09 -11.99 6.90
C THR A 117 -0.88 -12.67 5.47
C THR A 117 0.35 -12.84 5.87
N LEU A 118 -1.86 -11.93 4.94
N LEU A 118 -0.66 -12.26 5.19
CA LEU A 118 -2.45 -12.29 3.66
CA LEU A 118 -1.35 -12.96 4.11
C LEU A 118 -1.49 -12.02 2.50
C LEU A 118 -0.72 -12.68 2.75
N ALA A 119 -0.73 -10.92 2.57
N ALA A 119 0.06 -11.60 2.63
CA ALA A 119 0.29 -10.68 1.57
CA ALA A 119 0.82 -11.38 1.41
C ALA A 119 1.26 -11.84 1.48
C ALA A 119 1.79 -12.51 1.15
N ASP A 120 1.69 -12.37 2.63
N ASP A 120 2.39 -13.05 2.21
CA ASP A 120 2.56 -13.53 2.61
CA ASP A 120 3.19 -14.26 2.08
C ASP A 120 1.84 -14.78 2.10
C ASP A 120 2.33 -15.45 1.73
N GLN A 121 0.53 -14.89 2.36
N GLN A 121 1.11 -15.52 2.28
CA GLN A 121 -0.23 -16.06 1.88
CA GLN A 121 0.20 -16.62 1.95
C GLN A 121 -0.27 -16.10 0.35
C GLN A 121 -0.31 -16.55 0.52
N ILE A 122 -0.47 -14.95 -0.29
N ILE A 122 -0.33 -15.36 -0.08
CA ILE A 122 -0.53 -14.90 -1.74
CA ILE A 122 -0.66 -15.25 -1.50
C ILE A 122 0.79 -15.36 -2.35
C ILE A 122 0.49 -15.80 -2.34
N ALA A 123 1.91 -14.97 -1.74
N ALA A 123 1.70 -15.26 -2.14
CA ALA A 123 3.20 -15.40 -2.24
CA ALA A 123 2.85 -15.65 -2.95
C ALA A 123 3.27 -16.92 -2.33
C ALA A 123 3.04 -17.17 -2.94
N LYS A 124 2.71 -17.59 -1.33
N LYS A 124 2.73 -17.82 -1.82
CA LYS A 124 2.74 -19.05 -1.29
CA LYS A 124 2.84 -19.26 -1.75
C LYS A 124 1.73 -19.67 -2.25
C LYS A 124 1.70 -19.96 -2.47
N ALA A 125 0.68 -18.94 -2.61
N ALA A 125 0.60 -19.26 -2.74
CA ALA A 125 -0.45 -19.55 -3.30
CA ALA A 125 -0.51 -19.83 -3.49
C ALA A 125 -0.34 -19.53 -4.81
C ALA A 125 -0.38 -19.63 -5.00
N LEU A 126 0.41 -18.60 -5.39
N LEU A 126 0.43 -18.68 -5.44
CA LEU A 126 0.35 -18.35 -6.82
CA LEU A 126 0.56 -18.38 -6.87
C LEU A 126 0.88 -19.45 -7.72
C LEU A 126 1.49 -19.35 -7.60
#